data_5FK5
#
_entry.id   5FK5
#
_cell.length_a   61.784
_cell.length_b   61.784
_cell.length_c   154.980
_cell.angle_alpha   90.00
_cell.angle_beta   90.00
_cell.angle_gamma   90.00
#
_symmetry.space_group_name_H-M   'P 43 21 2'
#
loop_
_entity.id
_entity.type
_entity.pdbx_description
1 polymer 'SAM-I RIBOSWITCH'
2 non-polymer S-ADENOSYLMETHIONINE
3 non-polymer 'BARIUM ION'
4 non-polymer 'POTASSIUM ION'
#
_entity_poly.entity_id   1
_entity_poly.type   'polyribonucleotide'
_entity_poly.pdbx_seq_one_letter_code
;GGCUUAUCAAGAGAGGGAGAGCGACUGGCGCGAAGAACCCCGGCAACCAGAAAUGGUGCCAAUUCCUGCAGCGGAAACGU
UGAAAGAUGAGCCG
;
_entity_poly.pdbx_strand_id   A
#
loop_
_chem_comp.id
_chem_comp.type
_chem_comp.name
_chem_comp.formula
A RNA linking ADENOSINE-5'-MONOPHOSPHATE 'C10 H14 N5 O7 P'
BA non-polymer 'BARIUM ION' 'Ba 2'
C RNA linking CYTIDINE-5'-MONOPHOSPHATE 'C9 H14 N3 O8 P'
G RNA linking GUANOSINE-5'-MONOPHOSPHATE 'C10 H14 N5 O8 P'
K non-polymer 'POTASSIUM ION' 'K 1'
SAM non-polymer S-ADENOSYLMETHIONINE 'C15 H22 N6 O5 S'
U RNA linking URIDINE-5'-MONOPHOSPHATE 'C9 H13 N2 O9 P'
#
# COMPACT_ATOMS: atom_id res chain seq x y z
N SAM B . 1.31 -2.47 0.39
CA SAM B . 0.91 -1.68 1.56
C SAM B . -0.19 -2.43 2.33
O SAM B . -0.31 -3.64 2.17
OXT SAM B . -0.94 -1.91 3.15
CB SAM B . 0.59 -0.23 1.16
CG SAM B . -0.77 0.36 1.49
SD SAM B . -1.12 1.88 0.60
CE SAM B . -1.81 2.99 1.85
C5' SAM B . -2.62 1.36 -0.26
C4' SAM B . -2.29 1.14 -1.73
O4' SAM B . -1.18 0.29 -1.85
C3' SAM B . -3.38 0.47 -2.52
O3' SAM B . -4.30 1.41 -3.04
C2' SAM B . -2.59 -0.18 -3.64
O2' SAM B . -2.63 0.64 -4.79
C1' SAM B . -1.15 -0.24 -3.15
N9 SAM B . -0.68 -1.62 -3.11
C8 SAM B . 0.35 -2.15 -3.84
N7 SAM B . 0.48 -3.46 -3.53
C5 SAM B . -0.45 -3.78 -2.61
C6 SAM B . -0.75 -4.97 -1.97
N6 SAM B . -0.04 -6.07 -2.23
N1 SAM B . -1.80 -5.01 -1.06
C2 SAM B . -2.52 -3.85 -0.81
N3 SAM B . -2.21 -2.67 -1.46
C4 SAM B . -1.19 -2.64 -2.34
BA BA C . -1.64 -0.34 6.58
BA BA D . -2.24 13.79 0.09
BA BA E . 16.18 -10.19 11.60
BA BA F . 13.48 9.26 -7.48
BA BA G . 2.32 -12.34 -5.66
BA BA H . 1.59 10.63 10.33
BA BA I . -6.17 -10.17 -13.20
BA BA J . -15.87 27.10 20.74
K K K . -7.84 14.66 12.08
K K L . 0.82 10.24 -5.63
BA BA M . -5.37 -13.19 -8.54
BA BA N . 9.68 -11.85 -0.70
BA BA O . 12.04 9.57 -16.93
BA BA P . 14.27 1.27 25.92
#